data_7BKO
#
_entry.id   7BKO
#
_cell.length_a   45.011
_cell.length_b   65.761
_cell.length_c   58.102
_cell.angle_alpha   90.000
_cell.angle_beta   94.390
_cell.angle_gamma   90.000
#
_symmetry.space_group_name_H-M   'P 1 21 1'
#
loop_
_entity.id
_entity.type
_entity.pdbx_description
1 polymer 'Serine/threonine-protein kinase Chk1'
2 non-polymer 1H-pyrazolo[3,4-d]pyrimidin-4-amine
3 water water
#
_entity_poly.entity_id   1
_entity_poly.type   'polypeptide(L)'
_entity_poly.pdbx_seq_one_letter_code
;MAVPFVEDWDLVQTLGEGAYGEVQLAVNRVTEEAVAVKIVDMKRAVDCPENIKKEICINKMLNHENVVKFYGHRREGNIQ
YLFLEYCSGGELFDRIEPDIGMPEPDAQRFFHQLMAGVVYLHGIGITHRDIKPENLLLDERDNLKISDFGLATVFRYNNR
ERLLNKMCGTLPYVAPELLKRREFHAEPVDVWSCGIVLTAMLAGELPWDQPSDSCQEYSDWKEKKTYLNPWKKIDSAPLA
LLHKILVENPSARITIPDIKKDRWYNKPLKKGAKRPRVTSGGVSESPSGHHHHHHHH
;
_entity_poly.pdbx_strand_id   A
#
loop_
_chem_comp.id
_chem_comp.type
_chem_comp.name
_chem_comp.formula
TVW non-polymer 1H-pyrazolo[3,4-d]pyrimidin-4-amine 'C5 H5 N5'
#
# COMPACT_ATOMS: atom_id res chain seq x y z
N GLU A 7 -4.53 -29.36 -9.95
CA GLU A 7 -6.00 -29.59 -9.82
C GLU A 7 -6.40 -29.59 -8.34
N ASP A 8 -5.67 -30.31 -7.49
CA ASP A 8 -5.98 -30.31 -6.03
C ASP A 8 -4.87 -29.57 -5.29
N TRP A 9 -5.26 -28.79 -4.28
CA TRP A 9 -4.37 -27.84 -3.56
C TRP A 9 -4.34 -28.16 -2.06
N ASP A 10 -3.29 -28.85 -1.60
CA ASP A 10 -2.99 -29.06 -0.16
C ASP A 10 -2.90 -27.67 0.52
N LEU A 11 -3.52 -27.50 1.69
CA LEU A 11 -3.44 -26.21 2.42
C LEU A 11 -2.42 -26.38 3.54
N VAL A 12 -1.22 -25.81 3.34
CA VAL A 12 0.03 -26.04 4.14
C VAL A 12 0.04 -25.33 5.52
N GLN A 13 -0.25 -24.02 5.60
CA GLN A 13 -0.13 -23.25 6.87
C GLN A 13 -0.87 -21.92 6.71
N THR A 14 -1.05 -21.18 7.78
CA THR A 14 -1.85 -19.95 7.63
C THR A 14 -0.95 -18.84 7.12
N LEU A 15 -1.51 -17.79 6.56
CA LEU A 15 -0.69 -16.67 6.01
C LEU A 15 -1.00 -15.38 6.75
N GLY A 16 -2.28 -15.05 6.87
CA GLY A 16 -2.77 -13.91 7.66
C GLY A 16 -4.24 -14.08 8.00
N GLU A 17 -4.59 -14.13 9.28
CA GLU A 17 -6.00 -14.35 9.71
C GLU A 17 -6.72 -13.01 9.72
N GLY A 18 -7.21 -12.58 8.55
CA GLY A 18 -7.91 -11.29 8.34
C GLY A 18 -9.35 -11.32 8.83
N ALA A 19 -10.02 -10.17 8.80
CA ALA A 19 -11.44 -9.98 9.19
C ALA A 19 -12.34 -10.83 8.29
N TYR A 20 -11.95 -10.96 7.02
CA TYR A 20 -12.71 -11.67 5.96
C TYR A 20 -12.77 -13.16 6.29
N GLY A 21 -11.73 -13.67 6.95
CA GLY A 21 -11.65 -15.09 7.34
C GLY A 21 -10.20 -15.48 7.54
N GLU A 22 -9.54 -15.97 6.50
CA GLU A 22 -8.11 -16.32 6.54
C GLU A 22 -7.56 -16.48 5.12
N VAL A 23 -6.24 -16.36 5.03
CA VAL A 23 -5.41 -16.57 3.82
C VAL A 23 -4.47 -17.73 4.14
N GLN A 24 -4.35 -18.72 3.25
CA GLN A 24 -3.49 -19.90 3.53
C GLN A 24 -2.54 -20.12 2.36
N LEU A 25 -1.31 -20.51 2.68
CA LEU A 25 -0.39 -21.11 1.69
C LEU A 25 -1.14 -22.33 1.17
N ALA A 26 -1.06 -22.57 -0.14
CA ALA A 26 -1.67 -23.72 -0.84
C ALA A 26 -0.63 -24.26 -1.83
N VAL A 27 -0.44 -25.57 -1.87
CA VAL A 27 0.64 -26.24 -2.66
C VAL A 27 0.00 -27.30 -3.57
N ASN A 28 0.37 -27.26 -4.84
CA ASN A 28 -0.21 -28.14 -5.88
C ASN A 28 0.45 -29.51 -5.74
N ARG A 29 -0.33 -30.59 -5.67
CA ARG A 29 0.21 -31.94 -5.34
C ARG A 29 1.15 -32.38 -6.48
N VAL A 30 0.77 -32.21 -7.76
CA VAL A 30 1.59 -32.59 -8.95
C VAL A 30 2.70 -31.56 -9.17
N THR A 31 2.38 -30.28 -9.42
CA THR A 31 3.37 -29.29 -9.96
C THR A 31 4.20 -28.68 -8.82
N GLU A 32 3.78 -28.83 -7.56
CA GLU A 32 4.52 -28.37 -6.34
C GLU A 32 4.51 -26.83 -6.27
N GLU A 33 3.91 -26.15 -7.25
CA GLU A 33 3.79 -24.67 -7.27
C GLU A 33 2.99 -24.23 -6.05
N ALA A 34 3.43 -23.20 -5.33
CA ALA A 34 2.75 -22.70 -4.11
C ALA A 34 1.97 -21.41 -4.40
N VAL A 35 0.70 -21.38 -4.00
CA VAL A 35 -0.22 -20.20 -4.10
C VAL A 35 -0.91 -19.96 -2.74
N ALA A 36 -1.54 -18.79 -2.64
CA ALA A 36 -2.23 -18.29 -1.42
C ALA A 36 -3.72 -18.15 -1.74
N VAL A 37 -4.57 -18.65 -0.85
CA VAL A 37 -6.04 -18.83 -1.00
C VAL A 37 -6.73 -18.05 0.11
N LYS A 38 -7.08 -16.79 -0.15
CA LYS A 38 -7.87 -15.95 0.80
C LYS A 38 -9.27 -16.56 0.85
N ILE A 39 -9.86 -16.71 2.05
CA ILE A 39 -11.07 -17.56 2.25
C ILE A 39 -12.23 -16.73 2.79
N VAL A 40 -13.16 -16.39 1.90
CA VAL A 40 -14.31 -15.50 2.20
C VAL A 40 -15.54 -16.37 2.38
N ASP A 41 -15.96 -16.56 3.62
CA ASP A 41 -17.29 -17.13 3.97
C ASP A 41 -18.26 -15.95 4.02
N MET A 42 -18.99 -15.72 2.94
CA MET A 42 -19.81 -14.49 2.76
C MET A 42 -20.79 -14.31 3.93
N LYS A 43 -21.37 -15.41 4.43
CA LYS A 43 -22.42 -15.43 5.48
C LYS A 43 -21.85 -15.19 6.88
N ARG A 44 -20.53 -15.14 7.07
CA ARG A 44 -19.96 -14.88 8.42
C ARG A 44 -19.05 -13.65 8.34
N ASN A 51 -19.32 -6.38 -2.89
CA ASN A 51 -18.29 -6.24 -1.83
C ASN A 51 -17.17 -7.25 -2.10
N ILE A 52 -17.41 -8.53 -1.86
CA ILE A 52 -16.42 -9.58 -2.23
C ILE A 52 -16.46 -9.76 -3.75
N LYS A 53 -17.56 -9.33 -4.38
CA LYS A 53 -17.70 -9.36 -5.85
C LYS A 53 -16.70 -8.32 -6.42
N LYS A 54 -16.81 -7.04 -6.05
CA LYS A 54 -15.97 -5.92 -6.56
C LYS A 54 -14.48 -6.30 -6.44
N GLU A 55 -14.04 -6.77 -5.26
CA GLU A 55 -12.68 -7.30 -5.03
C GLU A 55 -12.35 -8.36 -6.07
N ILE A 56 -13.31 -9.22 -6.44
CA ILE A 56 -12.99 -10.28 -7.43
C ILE A 56 -12.78 -9.62 -8.79
N CYS A 57 -13.75 -8.82 -9.23
CA CYS A 57 -13.80 -8.23 -10.61
C CYS A 57 -12.76 -7.12 -10.74
N ILE A 58 -12.29 -6.54 -9.63
CA ILE A 58 -11.09 -5.66 -9.65
C ILE A 58 -9.89 -6.58 -9.98
N ASN A 59 -9.73 -7.68 -9.24
CA ASN A 59 -8.62 -8.66 -9.45
C ASN A 59 -8.54 -9.08 -10.92
N LYS A 60 -9.66 -9.24 -11.65
CA LYS A 60 -9.65 -9.57 -13.10
C LYS A 60 -9.16 -8.38 -13.95
N MET A 61 -9.00 -7.18 -13.40
CA MET A 61 -8.50 -6.03 -14.20
C MET A 61 -6.98 -5.94 -14.08
N LEU A 62 -6.37 -6.73 -13.20
CA LEU A 62 -4.99 -6.47 -12.72
C LEU A 62 -4.00 -7.38 -13.41
N ASN A 63 -2.88 -6.81 -13.82
CA ASN A 63 -1.74 -7.61 -14.33
C ASN A 63 -0.48 -6.73 -14.35
N HIS A 64 0.33 -6.83 -13.30
CA HIS A 64 1.59 -6.05 -13.11
C HIS A 64 2.50 -6.82 -12.16
N GLU A 65 3.79 -6.48 -12.15
CA GLU A 65 4.81 -7.27 -11.39
C GLU A 65 5.14 -6.55 -10.08
N ASN A 66 4.33 -5.57 -9.69
CA ASN A 66 4.31 -4.96 -8.33
C ASN A 66 2.89 -5.02 -7.77
N VAL A 67 2.11 -5.99 -8.24
CA VAL A 67 0.72 -6.25 -7.77
C VAL A 67 0.58 -7.77 -7.68
N VAL A 68 -0.05 -8.26 -6.62
CA VAL A 68 -0.25 -9.72 -6.38
C VAL A 68 -1.01 -10.28 -7.57
N LYS A 69 -0.45 -11.25 -8.28
CA LYS A 69 -1.12 -11.80 -9.48
C LYS A 69 -2.39 -12.51 -9.01
N PHE A 70 -3.48 -12.37 -9.76
CA PHE A 70 -4.79 -13.01 -9.47
C PHE A 70 -5.03 -14.15 -10.46
N TYR A 71 -5.40 -15.34 -9.98
CA TYR A 71 -5.47 -16.57 -10.80
C TYR A 71 -6.92 -16.90 -11.17
N GLY A 72 -7.74 -17.28 -10.17
CA GLY A 72 -9.16 -17.65 -10.34
C GLY A 72 -9.89 -17.74 -9.02
N HIS A 73 -11.17 -18.13 -9.04
CA HIS A 73 -12.05 -18.23 -7.84
C HIS A 73 -13.03 -19.41 -7.95
N ARG A 74 -12.75 -20.48 -7.20
CA ARG A 74 -13.67 -21.61 -6.90
C ARG A 74 -14.88 -21.07 -6.12
N ARG A 75 -16.11 -21.31 -6.59
CA ARG A 75 -17.32 -20.73 -5.95
C ARG A 75 -18.00 -21.70 -4.99
N GLU A 76 -17.25 -22.50 -4.22
CA GLU A 76 -17.87 -23.56 -3.39
C GLU A 76 -18.84 -22.93 -2.37
N GLY A 77 -20.11 -23.31 -2.44
CA GLY A 77 -21.18 -22.78 -1.57
C GLY A 77 -21.11 -21.27 -1.41
N ASN A 78 -20.84 -20.78 -0.21
CA ASN A 78 -20.66 -19.33 0.04
C ASN A 78 -19.21 -19.09 0.48
N ILE A 79 -18.43 -20.15 0.63
CA ILE A 79 -16.99 -20.04 1.02
C ILE A 79 -16.25 -19.70 -0.28
N GLN A 80 -16.18 -18.40 -0.59
CA GLN A 80 -15.42 -17.86 -1.74
C GLN A 80 -13.94 -18.16 -1.48
N TYR A 81 -13.28 -18.63 -2.53
CA TYR A 81 -11.86 -19.05 -2.61
C TYR A 81 -11.12 -18.15 -3.60
N LEU A 82 -10.18 -17.34 -3.10
CA LEU A 82 -9.45 -16.31 -3.88
C LEU A 82 -8.01 -16.79 -4.12
N PHE A 83 -7.71 -17.15 -5.37
CA PHE A 83 -6.47 -17.87 -5.77
C PHE A 83 -5.46 -16.79 -6.17
N LEU A 84 -4.56 -16.39 -5.26
CA LEU A 84 -3.65 -15.24 -5.50
C LEU A 84 -2.18 -15.64 -5.40
N GLU A 85 -1.30 -14.72 -5.77
CA GLU A 85 0.17 -14.92 -5.80
C GLU A 85 0.68 -15.27 -4.40
N TYR A 86 1.59 -16.24 -4.28
CA TYR A 86 2.28 -16.45 -2.99
C TYR A 86 3.44 -15.47 -2.90
N CYS A 87 3.56 -14.77 -1.78
CA CYS A 87 4.66 -13.82 -1.52
C CYS A 87 5.46 -14.34 -0.32
N SER A 88 6.60 -14.96 -0.63
CA SER A 88 7.34 -15.93 0.22
C SER A 88 8.20 -15.15 1.21
N GLY A 89 8.37 -13.85 0.96
CA GLY A 89 9.10 -12.90 1.80
C GLY A 89 8.18 -12.15 2.75
N GLY A 90 6.88 -12.41 2.69
CA GLY A 90 5.89 -11.81 3.61
C GLY A 90 5.91 -10.29 3.56
N GLU A 91 5.76 -9.65 4.70
CA GLU A 91 5.17 -8.28 4.74
C GLU A 91 6.25 -7.20 4.86
N LEU A 92 6.22 -6.20 3.98
CA LEU A 92 7.20 -5.09 4.08
C LEU A 92 7.31 -4.66 5.55
N PHE A 93 6.24 -4.82 6.32
CA PHE A 93 6.12 -4.44 7.75
C PHE A 93 7.19 -5.11 8.61
N ASP A 94 7.55 -6.35 8.30
CA ASP A 94 8.46 -7.19 9.14
C ASP A 94 9.91 -6.98 8.69
N ARG A 95 10.16 -5.99 7.85
CA ARG A 95 11.55 -5.57 7.51
C ARG A 95 11.75 -4.13 8.01
N ILE A 96 10.82 -3.61 8.79
CA ILE A 96 11.04 -2.31 9.47
C ILE A 96 11.31 -2.64 10.92
N GLU A 97 12.56 -2.50 11.37
CA GLU A 97 12.94 -2.74 12.78
C GLU A 97 12.50 -1.50 13.54
N PRO A 98 11.77 -1.61 14.68
CA PRO A 98 11.23 -0.44 15.38
C PRO A 98 12.25 0.64 15.76
N ASP A 99 11.87 1.91 15.60
CA ASP A 99 12.65 3.13 15.89
C ASP A 99 13.88 3.28 14.98
N ILE A 100 14.27 2.30 14.16
CA ILE A 100 15.40 2.54 13.22
C ILE A 100 14.93 2.45 11.77
N GLY A 101 14.15 1.43 11.42
CA GLY A 101 13.57 1.24 10.07
C GLY A 101 14.43 0.29 9.27
N MET A 102 14.93 0.70 8.12
CA MET A 102 15.87 -0.16 7.33
C MET A 102 16.92 0.69 6.62
N PRO A 103 17.93 0.05 6.00
CA PRO A 103 18.97 0.76 5.26
C PRO A 103 18.39 1.62 4.12
N GLU A 104 18.88 2.85 3.95
CA GLU A 104 18.27 3.87 3.06
C GLU A 104 18.30 3.41 1.61
N PRO A 105 19.20 2.50 1.16
CA PRO A 105 19.12 1.94 -0.18
C PRO A 105 17.97 0.93 -0.32
N ASP A 106 17.69 0.19 0.75
CA ASP A 106 16.56 -0.77 0.78
C ASP A 106 15.25 0.00 0.69
N ALA A 107 15.14 1.13 1.40
CA ALA A 107 13.95 2.00 1.34
C ALA A 107 13.71 2.35 -0.11
N GLN A 108 14.63 3.03 -0.80
CA GLN A 108 14.52 3.48 -2.23
C GLN A 108 14.01 2.37 -3.21
N ARG A 109 14.64 1.20 -3.29
CA ARG A 109 14.15 0.05 -4.11
C ARG A 109 12.65 -0.17 -3.82
N PHE A 110 12.27 -0.37 -2.54
CA PHE A 110 10.86 -0.62 -2.16
C PHE A 110 9.99 0.57 -2.58
N PHE A 111 10.43 1.82 -2.44
CA PHE A 111 9.61 3.01 -2.82
C PHE A 111 9.54 3.08 -4.35
N HIS A 112 10.60 2.67 -5.05
CA HIS A 112 10.55 2.55 -6.53
C HIS A 112 9.38 1.63 -6.91
N GLN A 113 9.24 0.47 -6.31
CA GLN A 113 8.24 -0.50 -6.82
C GLN A 113 6.86 -0.12 -6.30
N LEU A 114 6.75 0.48 -5.10
CA LEU A 114 5.49 1.11 -4.60
C LEU A 114 5.06 2.03 -5.75
N MET A 115 5.93 2.92 -6.22
CA MET A 115 5.58 3.87 -7.30
C MET A 115 5.24 3.13 -8.60
N ALA A 116 5.95 2.06 -8.93
CA ALA A 116 5.65 1.31 -10.17
C ALA A 116 4.19 0.85 -10.10
N GLY A 117 3.80 0.23 -8.99
CA GLY A 117 2.42 -0.28 -8.79
C GLY A 117 1.38 0.84 -8.78
N VAL A 118 1.55 1.87 -7.95
CA VAL A 118 0.54 2.95 -7.78
C VAL A 118 0.36 3.58 -9.14
N VAL A 119 1.44 3.88 -9.85
CA VAL A 119 1.37 4.37 -11.26
C VAL A 119 0.53 3.37 -12.07
N TYR A 120 0.87 2.09 -12.01
CA TYR A 120 0.18 1.09 -12.85
C TYR A 120 -1.32 1.13 -12.55
N LEU A 121 -1.69 1.07 -11.27
CA LEU A 121 -3.12 1.10 -10.85
C LEU A 121 -3.73 2.42 -11.32
N HIS A 122 -3.17 3.54 -10.88
CA HIS A 122 -3.70 4.87 -11.23
C HIS A 122 -3.89 4.93 -12.74
N GLY A 123 -3.01 4.27 -13.51
CA GLY A 123 -3.12 4.17 -14.96
C GLY A 123 -4.46 3.60 -15.40
N ILE A 124 -4.97 2.60 -14.69
CA ILE A 124 -6.22 1.92 -15.09
C ILE A 124 -7.40 2.46 -14.28
N GLY A 125 -7.25 3.54 -13.53
CA GLY A 125 -8.38 4.16 -12.80
C GLY A 125 -8.75 3.39 -11.54
N ILE A 126 -7.85 2.65 -10.93
CA ILE A 126 -8.31 2.09 -9.64
C ILE A 126 -7.44 2.66 -8.52
N THR A 127 -8.00 2.88 -7.35
CA THR A 127 -7.21 3.37 -6.20
C THR A 127 -7.28 2.30 -5.12
N HIS A 128 -6.22 2.04 -4.37
CA HIS A 128 -6.15 0.90 -3.42
C HIS A 128 -6.87 1.28 -2.12
N ARG A 129 -6.60 2.49 -1.63
CA ARG A 129 -7.20 3.15 -0.44
C ARG A 129 -6.72 2.52 0.88
N ASP A 130 -5.65 1.74 0.88
CA ASP A 130 -5.18 1.15 2.15
C ASP A 130 -3.72 0.74 2.02
N ILE A 131 -2.88 1.57 1.38
CA ILE A 131 -1.43 1.30 1.23
C ILE A 131 -0.79 1.50 2.61
N LYS A 132 -0.13 0.46 3.09
CA LYS A 132 0.55 0.40 4.40
C LYS A 132 1.44 -0.82 4.30
N PRO A 133 2.56 -0.90 5.06
CA PRO A 133 3.52 -2.00 4.93
C PRO A 133 2.91 -3.42 5.03
N GLU A 134 1.84 -3.57 5.82
CA GLU A 134 1.06 -4.83 5.98
C GLU A 134 0.44 -5.21 4.64
N ASN A 135 0.25 -4.25 3.75
CA ASN A 135 -0.33 -4.58 2.42
C ASN A 135 0.74 -4.46 1.34
N LEU A 136 2.01 -4.59 1.68
CA LEU A 136 3.05 -4.74 0.66
C LEU A 136 3.78 -6.05 0.94
N LEU A 137 3.61 -7.02 0.06
CA LEU A 137 4.18 -8.38 0.25
C LEU A 137 5.43 -8.48 -0.62
N LEU A 138 6.36 -9.34 -0.24
CA LEU A 138 7.67 -9.45 -0.91
C LEU A 138 7.78 -10.88 -1.40
N ASP A 139 8.21 -11.08 -2.64
CA ASP A 139 8.40 -12.45 -3.19
C ASP A 139 9.82 -12.92 -2.87
N GLU A 140 10.18 -14.12 -3.31
CA GLU A 140 11.53 -14.72 -3.12
C GLU A 140 12.65 -13.71 -3.39
N ARG A 141 12.51 -12.77 -4.34
CA ARG A 141 13.55 -11.74 -4.66
C ARG A 141 13.25 -10.42 -3.96
N ASP A 142 12.48 -10.44 -2.87
CA ASP A 142 12.12 -9.22 -2.07
C ASP A 142 11.42 -8.20 -2.99
N ASN A 143 10.94 -8.63 -4.17
CA ASN A 143 10.18 -7.76 -5.10
C ASN A 143 8.78 -7.47 -4.55
N LEU A 144 8.52 -6.20 -4.24
CA LEU A 144 7.27 -5.67 -3.60
C LEU A 144 6.03 -5.89 -4.51
N LYS A 145 4.89 -6.23 -3.89
CA LYS A 145 3.58 -6.50 -4.55
C LYS A 145 2.47 -5.80 -3.76
N ILE A 146 1.63 -5.02 -4.42
CA ILE A 146 0.47 -4.41 -3.72
C ILE A 146 -0.61 -5.48 -3.55
N SER A 147 -1.17 -5.59 -2.35
CA SER A 147 -2.04 -6.73 -1.99
C SER A 147 -3.32 -6.22 -1.33
N ASP A 148 -4.43 -6.92 -1.65
CA ASP A 148 -5.79 -6.80 -1.05
C ASP A 148 -6.48 -5.53 -1.57
N PHE A 149 -7.35 -5.72 -2.57
CA PHE A 149 -8.10 -4.62 -3.22
C PHE A 149 -9.54 -4.62 -2.69
N GLY A 150 -9.70 -5.11 -1.46
CA GLY A 150 -10.98 -5.15 -0.74
C GLY A 150 -11.55 -3.76 -0.54
N LEU A 151 -10.72 -2.75 -0.26
CA LEU A 151 -11.22 -1.36 -0.10
C LEU A 151 -10.94 -0.56 -1.39
N ALA A 152 -10.32 -1.18 -2.38
CA ALA A 152 -10.00 -0.52 -3.68
C ALA A 152 -11.30 -0.33 -4.45
N THR A 153 -11.37 0.72 -5.26
CA THR A 153 -12.51 1.06 -6.14
C THR A 153 -11.99 1.69 -7.43
N VAL A 154 -12.81 1.68 -8.46
CA VAL A 154 -12.73 2.52 -9.69
C VAL A 154 -12.88 4.01 -9.32
N PHE A 155 -11.99 4.90 -9.81
CA PHE A 155 -12.14 6.38 -9.71
C PHE A 155 -12.03 7.06 -11.07
N ARG A 156 -11.70 6.31 -12.13
CA ARG A 156 -11.69 6.86 -13.50
C ARG A 156 -12.16 5.74 -14.41
N TYR A 157 -13.09 6.09 -15.28
CA TYR A 157 -13.88 5.15 -16.12
C TYR A 157 -14.37 5.97 -17.31
N ASN A 158 -13.98 5.57 -18.53
CA ASN A 158 -14.36 6.27 -19.78
C ASN A 158 -13.66 7.62 -19.74
N ASN A 159 -12.58 7.71 -18.96
CA ASN A 159 -11.68 8.88 -18.91
C ASN A 159 -12.35 10.06 -18.22
N ARG A 160 -13.33 9.79 -17.35
CA ARG A 160 -13.96 10.77 -16.43
C ARG A 160 -13.62 10.37 -14.99
N GLU A 161 -12.98 11.24 -14.20
CA GLU A 161 -12.66 10.93 -12.78
C GLU A 161 -13.96 10.96 -11.99
N ARG A 162 -14.12 10.08 -11.00
CA ARG A 162 -15.18 10.27 -9.97
C ARG A 162 -14.48 10.64 -8.67
N LEU A 163 -15.00 11.64 -7.97
CA LEU A 163 -14.49 12.13 -6.66
C LEU A 163 -14.84 11.11 -5.59
N LEU A 164 -14.04 10.97 -4.55
CA LEU A 164 -14.43 10.00 -3.51
C LEU A 164 -15.14 10.75 -2.39
N ASN A 165 -16.00 10.06 -1.66
CA ASN A 165 -16.68 10.62 -0.45
C ASN A 165 -16.70 9.59 0.67
N LYS A 166 -16.48 8.32 0.37
CA LYS A 166 -16.47 7.26 1.40
C LYS A 166 -15.15 7.38 2.16
N MET A 167 -15.21 7.47 3.48
CA MET A 167 -13.99 7.52 4.31
C MET A 167 -13.52 6.07 4.53
N CYS A 168 -12.23 5.81 4.41
CA CYS A 168 -11.69 4.46 4.73
C CYS A 168 -10.18 4.43 4.57
N GLY A 169 -9.61 3.28 4.89
CA GLY A 169 -8.16 3.05 5.06
C GLY A 169 -7.84 2.83 6.53
N THR A 170 -6.60 3.14 6.90
CA THR A 170 -5.97 3.00 8.25
C THR A 170 -5.51 4.40 8.69
N LEU A 171 -5.93 4.93 9.86
CA LEU A 171 -5.84 6.39 10.22
C LEU A 171 -4.44 6.94 9.97
N PRO A 172 -3.37 6.45 10.65
CA PRO A 172 -2.06 7.10 10.59
C PRO A 172 -1.48 7.34 9.18
N TYR A 173 -2.05 6.69 8.18
CA TYR A 173 -1.57 6.55 6.78
C TYR A 173 -2.52 7.35 5.90
N VAL A 174 -3.73 7.52 6.43
CA VAL A 174 -4.84 8.15 5.69
C VAL A 174 -4.47 9.62 5.55
N ALA A 175 -5.00 10.29 4.52
CA ALA A 175 -4.63 11.66 4.10
C ALA A 175 -5.52 12.67 4.81
N PRO A 176 -5.02 13.88 5.18
CA PRO A 176 -5.78 14.81 6.00
C PRO A 176 -7.19 15.09 5.49
N GLU A 177 -7.36 15.19 4.17
CA GLU A 177 -8.62 15.63 3.52
C GLU A 177 -9.66 14.50 3.56
N LEU A 178 -9.25 13.25 3.80
CA LEU A 178 -10.19 12.11 3.98
C LEU A 178 -10.97 12.40 5.28
N LEU A 179 -10.55 13.36 6.12
CA LEU A 179 -11.27 13.74 7.38
C LEU A 179 -11.79 15.18 7.41
N LYS A 180 -11.44 16.12 6.53
CA LYS A 180 -11.96 17.52 6.68
C LYS A 180 -12.92 17.86 5.54
N ARG A 181 -12.90 17.08 4.46
CA ARG A 181 -13.67 17.37 3.22
C ARG A 181 -14.75 16.28 3.08
N ARG A 182 -15.73 16.51 2.20
CA ARG A 182 -16.84 15.55 1.93
C ARG A 182 -16.51 14.79 0.65
N GLU A 183 -15.89 15.45 -0.34
CA GLU A 183 -15.40 14.78 -1.57
C GLU A 183 -13.92 15.13 -1.75
N PHE A 184 -13.19 14.25 -2.43
CA PHE A 184 -11.70 14.32 -2.54
C PHE A 184 -11.22 13.34 -3.64
N HIS A 185 -10.12 13.73 -4.32
CA HIS A 185 -9.49 13.08 -5.52
C HIS A 185 -8.75 11.83 -5.07
N ALA A 186 -8.88 10.68 -5.75
CA ALA A 186 -8.33 9.41 -5.24
C ALA A 186 -6.80 9.40 -5.27
N GLU A 187 -6.12 10.01 -6.25
CA GLU A 187 -4.67 9.78 -6.46
C GLU A 187 -3.88 10.43 -5.30
N PRO A 188 -4.07 11.73 -4.96
CA PRO A 188 -3.34 12.30 -3.82
C PRO A 188 -3.49 11.60 -2.45
N VAL A 189 -4.62 10.96 -2.17
CA VAL A 189 -4.65 10.11 -0.95
C VAL A 189 -3.55 9.07 -1.17
N ASP A 190 -3.52 8.43 -2.33
CA ASP A 190 -2.53 7.35 -2.57
C ASP A 190 -1.14 7.98 -2.47
N VAL A 191 -0.97 9.27 -2.84
CA VAL A 191 0.40 9.86 -2.83
C VAL A 191 0.71 10.02 -1.35
N TRP A 192 -0.31 10.16 -0.54
CA TRP A 192 -0.02 10.52 0.86
C TRP A 192 0.37 9.28 1.65
N SER A 193 -0.43 8.23 1.61
CA SER A 193 -0.12 6.92 2.22
C SER A 193 1.25 6.41 1.74
N CYS A 194 1.64 6.45 0.46
CA CYS A 194 3.01 5.94 0.14
C CYS A 194 4.09 6.73 0.90
N GLY A 195 3.93 8.05 1.11
CA GLY A 195 4.90 8.83 1.90
C GLY A 195 4.93 8.42 3.38
N ILE A 196 3.78 8.11 3.96
CA ILE A 196 3.79 7.56 5.33
C ILE A 196 4.57 6.23 5.29
N VAL A 197 4.50 5.42 4.23
CA VAL A 197 5.40 4.22 4.13
C VAL A 197 6.84 4.74 3.98
N LEU A 198 7.07 5.79 3.21
CA LEU A 198 8.49 6.18 3.12
C LEU A 198 8.99 6.41 4.53
N THR A 199 8.19 7.12 5.33
CA THR A 199 8.59 7.62 6.66
C THR A 199 8.71 6.50 7.68
N ALA A 200 7.70 5.65 7.80
CA ALA A 200 7.92 4.34 8.44
C ALA A 200 9.27 3.85 7.94
N MET A 201 9.52 3.80 6.63
CA MET A 201 10.65 2.97 6.12
C MET A 201 11.99 3.51 6.66
N LEU A 202 12.04 4.82 6.93
CA LEU A 202 13.32 5.53 7.14
C LEU A 202 13.50 5.82 8.62
N ALA A 203 12.45 5.67 9.41
CA ALA A 203 12.46 6.14 10.81
C ALA A 203 12.08 4.99 11.73
N GLY A 204 11.17 4.12 11.31
CA GLY A 204 10.77 2.94 12.11
C GLY A 204 9.69 3.32 13.09
N GLU A 205 9.07 4.48 12.89
CA GLU A 205 7.90 4.84 13.69
C GLU A 205 6.99 5.59 12.73
N LEU A 206 5.70 5.73 13.05
CA LEU A 206 4.71 6.50 12.24
C LEU A 206 4.66 7.92 12.85
N PRO A 207 4.56 9.00 12.05
CA PRO A 207 4.68 10.36 12.58
C PRO A 207 3.57 10.75 13.57
N TRP A 208 2.32 10.52 13.20
CA TRP A 208 1.15 10.83 14.07
C TRP A 208 0.14 9.70 14.00
N ASP A 209 -0.83 9.69 14.92
CA ASP A 209 -1.93 8.70 14.99
C ASP A 209 -2.92 8.94 13.86
N GLN A 210 -3.09 10.20 13.46
CA GLN A 210 -4.02 10.61 12.37
C GLN A 210 -3.68 12.05 11.97
N PRO A 211 -3.78 12.40 10.67
CA PRO A 211 -3.41 13.74 10.20
C PRO A 211 -4.34 14.91 10.58
N SER A 212 -4.45 15.17 11.89
CA SER A 212 -5.48 16.03 12.54
C SER A 212 -4.93 17.32 13.16
N ASP A 213 -5.80 18.32 13.21
CA ASP A 213 -5.52 19.60 13.91
C ASP A 213 -5.46 19.32 15.42
N SER A 214 -6.22 18.33 15.89
CA SER A 214 -6.30 17.93 17.32
C SER A 214 -5.05 17.14 17.74
N CYS A 215 -4.21 16.74 16.78
CA CYS A 215 -3.04 15.84 16.99
C CYS A 215 -1.74 16.64 17.04
N GLN A 216 -1.04 16.60 18.18
CA GLN A 216 0.19 17.41 18.41
C GLN A 216 1.21 17.13 17.32
N GLU A 217 1.59 15.89 17.08
CA GLU A 217 2.71 15.57 16.18
C GLU A 217 2.43 16.12 14.77
N TYR A 218 1.18 16.19 14.31
CA TYR A 218 0.92 16.69 12.94
C TYR A 218 0.93 18.20 13.02
N SER A 219 0.67 18.77 14.19
CA SER A 219 0.68 20.24 14.31
C SER A 219 2.12 20.71 14.14
N ASP A 220 3.05 20.07 14.85
CA ASP A 220 4.53 20.27 14.79
C ASP A 220 5.04 20.22 13.34
N TRP A 221 4.75 19.11 12.67
CA TRP A 221 5.17 18.84 11.28
C TRP A 221 4.81 20.04 10.43
N LYS A 222 3.56 20.48 10.49
CA LYS A 222 3.04 21.61 9.68
C LYS A 222 3.73 22.91 10.12
N GLU A 223 4.25 22.92 11.35
CA GLU A 223 4.99 24.08 11.92
C GLU A 223 6.46 23.96 11.54
N LYS A 224 6.81 22.81 10.94
CA LYS A 224 8.13 22.45 10.37
C LYS A 224 9.14 22.17 11.49
N LYS A 225 8.70 21.76 12.66
CA LYS A 225 9.66 21.44 13.75
C LYS A 225 10.28 20.07 13.45
N THR A 226 11.27 20.03 12.56
CA THR A 226 11.83 18.79 12.00
C THR A 226 13.05 18.34 12.82
N TYR A 227 13.22 18.88 14.02
CA TYR A 227 14.26 18.41 14.96
C TYR A 227 13.62 17.40 15.92
N LEU A 228 12.46 16.87 15.58
CA LEU A 228 11.65 15.98 16.45
C LEU A 228 11.62 14.54 15.93
N ASN A 229 11.25 13.59 16.79
CA ASN A 229 11.69 12.17 16.83
C ASN A 229 11.77 11.42 15.48
N PRO A 230 10.83 11.40 14.48
CA PRO A 230 11.07 10.61 13.28
C PRO A 230 11.92 11.35 12.22
N TRP A 231 11.63 12.63 11.98
CA TRP A 231 12.29 13.44 10.92
C TRP A 231 13.78 13.54 11.21
N LYS A 232 14.19 13.62 12.49
CA LYS A 232 15.62 13.85 12.83
C LYS A 232 16.40 12.65 12.28
N LYS A 233 15.81 11.47 12.31
CA LYS A 233 16.45 10.20 11.84
C LYS A 233 16.48 10.11 10.31
N ILE A 234 15.88 11.06 9.61
CA ILE A 234 15.74 10.96 8.12
C ILE A 234 16.71 11.96 7.47
N ASP A 235 17.44 11.51 6.46
CA ASP A 235 18.47 12.33 5.77
C ASP A 235 17.78 13.47 5.02
N SER A 236 18.50 14.57 4.81
CA SER A 236 17.98 15.83 4.23
C SER A 236 17.36 15.59 2.83
N ALA A 237 17.88 14.67 2.03
CA ALA A 237 17.35 14.41 0.67
C ALA A 237 15.97 13.73 0.75
N PRO A 238 15.82 12.56 1.37
CA PRO A 238 14.51 11.90 1.43
C PRO A 238 13.49 12.72 2.21
N LEU A 239 13.96 13.63 3.05
CA LEU A 239 13.15 14.46 3.96
C LEU A 239 12.65 15.65 3.14
N ALA A 240 13.47 16.12 2.20
CA ALA A 240 13.06 17.08 1.15
C ALA A 240 11.89 16.48 0.34
N LEU A 241 11.88 15.17 0.10
CA LEU A 241 10.84 14.56 -0.77
C LEU A 241 9.57 14.42 0.08
N LEU A 242 9.74 14.12 1.36
CA LEU A 242 8.64 13.91 2.34
C LEU A 242 7.97 15.27 2.58
N HIS A 243 8.72 16.38 2.60
CA HIS A 243 8.14 17.75 2.70
C HIS A 243 7.27 17.99 1.46
N LYS A 244 7.56 17.36 0.34
CA LYS A 244 6.75 17.58 -0.88
C LYS A 244 5.50 16.70 -0.84
N ILE A 245 5.58 15.48 -0.28
CA ILE A 245 4.45 14.50 -0.26
C ILE A 245 3.43 14.95 0.80
N LEU A 246 3.91 15.19 2.00
CA LEU A 246 2.99 15.30 3.17
C LEU A 246 2.60 16.77 3.26
N VAL A 247 2.15 17.27 2.13
CA VAL A 247 1.56 18.61 1.99
C VAL A 247 0.07 18.46 2.27
N GLU A 248 -0.48 19.34 3.09
CA GLU A 248 -1.85 19.24 3.65
C GLU A 248 -2.91 19.60 2.60
N ASN A 249 -2.61 20.51 1.69
CA ASN A 249 -3.58 20.83 0.65
C ASN A 249 -3.27 19.97 -0.57
N PRO A 250 -4.15 19.01 -0.89
CA PRO A 250 -3.82 17.88 -1.75
C PRO A 250 -3.65 18.34 -3.19
N SER A 251 -3.98 19.62 -3.42
CA SER A 251 -3.93 20.33 -4.73
C SER A 251 -2.51 20.81 -5.01
N ALA A 252 -1.80 21.23 -3.96
CA ALA A 252 -0.37 21.55 -3.99
C ALA A 252 0.49 20.30 -3.78
N ARG A 253 -0.09 19.19 -3.34
CA ARG A 253 0.71 17.97 -3.04
C ARG A 253 1.48 17.52 -4.28
N ILE A 254 2.71 17.07 -4.12
CA ILE A 254 3.48 16.50 -5.26
C ILE A 254 2.68 15.35 -5.87
N THR A 255 2.65 15.28 -7.19
CA THR A 255 2.00 14.20 -7.97
C THR A 255 3.06 13.14 -8.30
N ILE A 256 2.67 11.94 -8.72
CA ILE A 256 3.67 10.84 -8.90
C ILE A 256 4.68 11.21 -9.97
N PRO A 257 4.36 11.75 -11.18
CA PRO A 257 5.41 12.15 -12.12
C PRO A 257 6.46 13.10 -11.52
N ASP A 258 6.10 14.00 -10.61
CA ASP A 258 7.07 14.90 -9.94
C ASP A 258 7.95 14.11 -8.95
N ILE A 259 7.38 13.26 -8.09
CA ILE A 259 8.11 12.23 -7.29
C ILE A 259 9.18 11.59 -8.19
N LYS A 260 8.84 11.20 -9.42
CA LYS A 260 9.79 10.48 -10.32
C LYS A 260 10.96 11.41 -10.73
N LYS A 261 10.77 12.73 -10.67
CA LYS A 261 11.82 13.71 -11.07
C LYS A 261 12.74 14.06 -9.90
N ASP A 262 12.33 13.77 -8.66
CA ASP A 262 12.93 14.31 -7.41
C ASP A 262 14.37 13.79 -7.25
N ARG A 263 15.22 14.56 -6.55
CA ARG A 263 16.68 14.31 -6.38
C ARG A 263 16.95 12.97 -5.67
N TRP A 264 16.36 12.76 -4.50
CA TRP A 264 16.53 11.52 -3.70
C TRP A 264 16.23 10.27 -4.53
N TYR A 265 15.12 10.30 -5.28
CA TYR A 265 14.49 9.16 -5.99
C TYR A 265 15.45 8.64 -7.06
N ASN A 266 16.18 9.60 -7.65
CA ASN A 266 17.08 9.39 -8.81
C ASN A 266 18.54 9.28 -8.35
N LYS A 267 18.78 9.25 -7.03
CA LYS A 267 20.12 9.17 -6.38
C LYS A 267 20.65 7.73 -6.37
N PRO A 268 21.89 7.46 -6.83
CA PRO A 268 22.42 6.10 -6.84
C PRO A 268 22.92 5.68 -5.45
N LEU A 269 22.33 4.62 -4.88
CA LEU A 269 22.45 4.21 -3.46
C LEU A 269 22.82 2.72 -3.34
N LYS A 270 22.24 1.85 -4.18
CA LYS A 270 22.30 0.36 -4.02
C LYS A 270 22.89 -0.33 -5.26
N LYS A 271 23.77 -1.31 -5.03
CA LYS A 271 24.34 -2.16 -6.10
C LYS A 271 23.27 -3.14 -6.58
C1 TVW B . 0.19 -13.27 2.78
N1 TVW B . -0.41 -12.80 3.87
C2 TVW B . 1.98 -14.36 1.81
N2 TVW B . 1.38 -13.90 2.91
C3 TVW B . 0.38 -13.68 0.42
N3 TVW B . 1.56 -14.31 0.55
C4 TVW B . -0.36 -13.14 1.49
N4 TVW B . -1.49 -12.79 -0.45
C5 TVW B . -1.52 -12.60 0.86
N5 TVW B . -0.32 -13.44 -0.71
#